data_5U5H
#
_entry.id   5U5H
#
_cell.length_a   50.570
_cell.length_b   60.000
_cell.length_c   66.570
_cell.angle_alpha   90.00
_cell.angle_beta   103.86
_cell.angle_gamma   90.00
#
_symmetry.space_group_name_H-M   'P 1 21 1'
#
loop_
_entity.id
_entity.type
_entity.pdbx_description
1 polymer 'Polycomb protein EED'
2 non-polymer (6S)-6-[(2-fluoro-5-methoxyphenyl)methyl]-1-(propan-2-yl)-5,6,7,8-tetrahydroimidazo[1,5-a]pyridin-3-amine
3 non-polymer GLYCEROL
4 water water
#
_entity_poly.entity_id   1
_entity_poly.type   'polypeptide(L)'
_entity_poly.pdbx_seq_one_letter_code
;GKKCKYSFKCVNSLKEDHNQPLFGVQFNWHSKEGDPLVFATVGSNRVTLYECHSQGEIRLLQSYVDADADENFYTCAWTY
DSNTSHPLLAVAGSRGIIRIINPITMQCIKHYVGHGNAINELKFHPRDPNLLLSVSKDHALRLWNIQTDTLVAIFGGVEG
HRDEVLSADYDLLGEKIMSCGMDHSLKLWRINSKRMMNAIKESYDYNPNKTNRPFISQKIHFPDFSTRDIHRNYVDCVRW
LGDLILSKSCENAIVCWKPGKMEDDIDKIKPSESNVTILGRFDYSQCDIWYMRFSMDFWQKMLALGNQVGKLYVWDLEVE
DPHKAKCTTLTHHKCGAAIRQTSFSRDSSILIAVCDDASIWRWDRLR
;
_entity_poly.pdbx_strand_id   A
#
# COMPACT_ATOMS: atom_id res chain seq x y z
N LYS A 5 9.93 24.44 2.32
CA LYS A 5 9.06 25.06 1.31
C LYS A 5 7.57 24.78 1.56
N TYR A 6 7.19 23.51 1.79
CA TYR A 6 5.80 23.10 2.03
C TYR A 6 5.28 23.40 3.42
N SER A 7 4.12 24.09 3.49
CA SER A 7 3.50 24.34 4.78
C SER A 7 2.05 23.86 4.79
N PHE A 8 1.58 23.42 5.96
CA PHE A 8 0.23 22.92 6.17
C PHE A 8 -0.37 23.46 7.45
N LYS A 9 -1.70 23.56 7.45
CA LYS A 9 -2.47 24.01 8.61
C LYS A 9 -3.40 22.86 9.02
N CYS A 10 -3.53 22.56 10.32
CA CYS A 10 -4.47 21.54 10.80
C CYS A 10 -5.83 22.21 10.86
N VAL A 11 -6.75 21.78 9.98
CA VAL A 11 -8.08 22.39 9.87
C VAL A 11 -9.16 21.59 10.60
N ASN A 12 -8.86 20.34 11.02
CA ASN A 12 -9.88 19.50 11.69
C ASN A 12 -9.31 18.16 12.13
N SER A 13 -10.05 17.51 13.01
CA SER A 13 -9.76 16.20 13.56
C SER A 13 -11.03 15.55 14.02
N LEU A 14 -11.02 14.23 14.16
CA LEU A 14 -12.15 13.46 14.71
C LEU A 14 -11.63 12.15 15.21
N LYS A 15 -12.47 11.37 15.89
CA LYS A 15 -12.11 10.08 16.46
C LYS A 15 -13.21 9.11 16.10
N GLU A 16 -12.88 7.91 15.62
CA GLU A 16 -13.90 6.90 15.29
C GLU A 16 -14.34 6.28 16.61
N ASP A 17 -15.63 5.94 16.76
CA ASP A 17 -16.16 5.48 18.05
C ASP A 17 -15.72 4.06 18.50
N HIS A 18 -14.91 3.34 17.71
CA HIS A 18 -14.41 2.00 18.09
C HIS A 18 -13.15 2.05 18.95
N ASN A 19 -12.40 3.18 18.92
CA ASN A 19 -11.18 3.45 19.71
C ASN A 19 -10.02 2.48 19.44
N GLN A 20 -10.10 1.71 18.35
CA GLN A 20 -9.08 0.76 17.93
C GLN A 20 -8.13 1.45 16.95
N PRO A 21 -6.86 1.00 16.81
CA PRO A 21 -5.96 1.64 15.84
C PRO A 21 -6.49 1.62 14.41
N LEU A 22 -6.24 2.72 13.71
CA LEU A 22 -6.55 2.83 12.29
C LEU A 22 -5.23 2.55 11.60
N PHE A 23 -5.12 1.43 10.88
CA PHE A 23 -3.87 1.04 10.23
C PHE A 23 -3.68 1.56 8.83
N GLY A 24 -4.77 1.88 8.17
CA GLY A 24 -4.73 2.36 6.81
C GLY A 24 -5.63 3.54 6.53
N VAL A 25 -5.17 4.39 5.61
CA VAL A 25 -5.90 5.53 5.08
C VAL A 25 -5.45 5.69 3.65
N GLN A 26 -6.43 5.90 2.76
CA GLN A 26 -6.20 6.16 1.34
C GLN A 26 -7.23 7.13 0.80
N PHE A 27 -6.77 8.21 0.14
CA PHE A 27 -7.69 9.06 -0.64
C PHE A 27 -7.97 8.28 -1.91
N ASN A 28 -9.18 8.47 -2.45
CA ASN A 28 -9.60 7.88 -3.70
C ASN A 28 -9.03 8.78 -4.80
N TRP A 29 -7.92 8.36 -5.42
CA TRP A 29 -7.35 9.19 -6.48
C TRP A 29 -8.08 9.01 -7.80
N HIS A 30 -9.19 8.23 -7.83
CA HIS A 30 -10.02 8.01 -9.03
C HIS A 30 -11.33 8.75 -8.90
N SER A 31 -11.43 9.67 -7.89
CA SER A 31 -12.62 10.47 -7.68
C SER A 31 -12.84 11.40 -8.88
N LYS A 32 -14.11 11.66 -9.19
CA LYS A 32 -14.56 12.43 -10.32
C LYS A 32 -14.42 13.95 -10.08
N GLU A 33 -14.20 14.71 -11.17
CA GLU A 33 -14.12 16.16 -11.20
C GLU A 33 -15.49 16.75 -10.79
N GLY A 34 -15.47 17.66 -9.83
CA GLY A 34 -16.69 18.27 -9.31
C GLY A 34 -17.16 17.59 -8.03
N ASP A 35 -16.81 16.29 -7.86
CA ASP A 35 -17.16 15.50 -6.68
C ASP A 35 -16.21 15.76 -5.51
N PRO A 36 -16.70 15.69 -4.23
CA PRO A 36 -15.79 15.94 -3.11
C PRO A 36 -14.67 14.90 -3.02
N LEU A 37 -13.58 15.32 -2.38
CA LEU A 37 -12.43 14.47 -2.17
C LEU A 37 -12.84 13.44 -1.13
N VAL A 38 -12.63 12.15 -1.43
CA VAL A 38 -13.04 11.07 -0.53
C VAL A 38 -11.83 10.25 -0.08
N PHE A 39 -11.81 9.89 1.21
CA PHE A 39 -10.78 8.97 1.67
C PHE A 39 -11.42 7.89 2.49
N ALA A 40 -10.77 6.74 2.52
CA ALA A 40 -11.23 5.59 3.30
C ALA A 40 -10.25 5.37 4.45
N THR A 41 -10.76 4.93 5.61
CA THR A 41 -9.93 4.56 6.75
C THR A 41 -10.21 3.11 7.06
N VAL A 42 -9.20 2.37 7.53
CA VAL A 42 -9.34 0.95 7.92
C VAL A 42 -8.71 0.69 9.28
N GLY A 43 -9.41 -0.10 10.06
CA GLY A 43 -8.99 -0.48 11.40
C GLY A 43 -10.11 -1.26 12.03
N SER A 44 -9.74 -2.19 12.95
CA SER A 44 -10.69 -3.09 13.60
C SER A 44 -11.45 -3.82 12.47
N ASN A 45 -12.75 -4.11 12.63
CA ASN A 45 -13.52 -4.77 11.58
C ASN A 45 -14.25 -3.75 10.68
N ARG A 46 -13.76 -2.50 10.66
CA ARG A 46 -14.45 -1.40 9.97
C ARG A 46 -13.68 -0.81 8.81
N VAL A 47 -14.43 -0.31 7.83
CA VAL A 47 -13.95 0.40 6.66
C VAL A 47 -14.82 1.64 6.64
N THR A 48 -14.22 2.84 6.71
CA THR A 48 -15.07 4.02 6.75
C THR A 48 -14.71 4.98 5.66
N LEU A 49 -15.74 5.61 5.04
CA LEU A 49 -15.60 6.60 3.99
C LEU A 49 -15.97 7.99 4.48
N TYR A 50 -15.15 8.98 4.12
CA TYR A 50 -15.33 10.39 4.49
C TYR A 50 -15.14 11.27 3.29
N GLU A 51 -15.87 12.39 3.30
CA GLU A 51 -15.76 13.42 2.27
C GLU A 51 -15.07 14.63 2.89
N CYS A 52 -14.19 15.27 2.14
CA CYS A 52 -13.56 16.49 2.60
C CYS A 52 -14.34 17.67 2.03
N HIS A 53 -14.78 18.56 2.92
CA HIS A 53 -15.54 19.74 2.53
C HIS A 53 -14.84 21.00 3.04
N SER A 54 -15.38 22.18 2.66
CA SER A 54 -14.87 23.49 3.05
C SER A 54 -14.95 23.68 4.59
N GLN A 55 -14.26 24.73 5.12
CA GLN A 55 -14.23 25.02 6.56
C GLN A 55 -13.68 23.83 7.38
N GLY A 56 -12.81 23.02 6.74
CA GLY A 56 -12.18 21.84 7.30
C GLY A 56 -13.09 20.66 7.60
N GLU A 57 -14.34 20.72 7.17
CA GLU A 57 -15.32 19.65 7.40
C GLU A 57 -14.90 18.28 6.84
N ILE A 58 -14.93 17.26 7.71
CA ILE A 58 -14.68 15.85 7.37
C ILE A 58 -16.04 15.21 7.59
N ARG A 59 -16.77 14.97 6.50
CA ARG A 59 -18.12 14.44 6.52
C ARG A 59 -18.16 12.92 6.39
N LEU A 60 -18.71 12.23 7.39
CA LEU A 60 -18.86 10.77 7.36
C LEU A 60 -19.83 10.37 6.23
N LEU A 61 -19.30 9.64 5.22
CA LEU A 61 -20.03 9.19 4.04
C LEU A 61 -20.76 7.89 4.25
N GLN A 62 -20.04 6.84 4.70
CA GLN A 62 -20.59 5.52 4.99
C GLN A 62 -19.56 4.62 5.65
N SER A 63 -20.01 3.46 6.15
CA SER A 63 -19.14 2.49 6.80
C SER A 63 -19.53 1.07 6.50
N TYR A 64 -18.53 0.23 6.33
CA TYR A 64 -18.67 -1.20 6.20
C TYR A 64 -18.30 -1.69 7.60
N VAL A 65 -19.12 -2.55 8.17
CA VAL A 65 -18.85 -3.16 9.48
C VAL A 65 -18.86 -4.64 9.16
N ASP A 66 -17.68 -5.26 9.19
CA ASP A 66 -17.54 -6.68 8.84
C ASP A 66 -18.36 -7.56 9.78
N ALA A 67 -18.97 -8.64 9.22
CA ALA A 67 -19.82 -9.58 9.98
C ALA A 67 -19.01 -10.23 11.10
N ASP A 68 -17.71 -10.45 10.86
CA ASP A 68 -16.80 -11.00 11.86
C ASP A 68 -16.17 -9.86 12.67
N ALA A 69 -16.51 -9.81 13.97
CA ALA A 69 -16.02 -8.82 14.92
C ALA A 69 -14.51 -8.96 15.16
N ASP A 70 -13.95 -10.17 14.94
CA ASP A 70 -12.52 -10.49 15.13
C ASP A 70 -11.64 -10.12 13.92
N GLU A 71 -12.26 -9.60 12.86
CA GLU A 71 -11.49 -9.14 11.69
C GLU A 71 -10.74 -7.85 12.08
N ASN A 72 -9.50 -7.72 11.58
N ASN A 72 -9.50 -7.72 11.61
CA ASN A 72 -8.66 -6.53 11.79
CA ASN A 72 -8.72 -6.49 11.80
C ASN A 72 -8.14 -6.10 10.43
C ASN A 72 -8.16 -6.09 10.45
N PHE A 73 -8.80 -5.08 9.83
CA PHE A 73 -8.39 -4.57 8.50
C PHE A 73 -7.07 -3.85 8.64
N TYR A 74 -6.11 -4.20 7.78
CA TYR A 74 -4.74 -3.68 7.87
C TYR A 74 -4.41 -2.76 6.73
N THR A 75 -5.14 -2.92 5.62
CA THR A 75 -4.84 -2.21 4.38
C THR A 75 -6.08 -2.00 3.53
N CYS A 76 -6.03 -0.98 2.67
CA CYS A 76 -7.06 -0.71 1.70
C CYS A 76 -6.38 -0.09 0.48
N ALA A 77 -6.99 -0.26 -0.70
CA ALA A 77 -6.46 0.25 -1.97
C ALA A 77 -7.68 0.52 -2.88
N TRP A 78 -7.70 1.68 -3.54
CA TRP A 78 -8.77 2.03 -4.47
C TRP A 78 -8.41 1.63 -5.89
N THR A 79 -9.42 1.33 -6.69
CA THR A 79 -9.33 1.04 -8.11
C THR A 79 -10.62 1.54 -8.74
N TYR A 80 -10.82 1.21 -10.00
CA TYR A 80 -12.02 1.60 -10.69
C TYR A 80 -12.34 0.49 -11.67
N ASP A 81 -13.60 0.44 -12.08
CA ASP A 81 -14.09 -0.50 -13.08
C ASP A 81 -13.56 0.01 -14.45
N SER A 82 -12.83 -0.83 -15.18
CA SER A 82 -12.19 -0.45 -16.45
C SER A 82 -13.19 -0.13 -17.57
N ASN A 83 -14.47 -0.55 -17.43
CA ASN A 83 -15.49 -0.24 -18.40
C ASN A 83 -16.35 0.95 -18.02
N THR A 84 -16.74 1.08 -16.74
CA THR A 84 -17.66 2.17 -16.36
C THR A 84 -17.02 3.36 -15.69
N SER A 85 -15.78 3.22 -15.20
CA SER A 85 -15.01 4.23 -14.44
C SER A 85 -15.44 4.28 -12.95
N HIS A 86 -16.43 3.48 -12.54
N HIS A 86 -16.41 3.43 -12.54
CA HIS A 86 -16.94 3.53 -11.17
CA HIS A 86 -16.96 3.35 -11.18
C HIS A 86 -15.89 3.02 -10.17
C HIS A 86 -15.87 3.00 -10.17
N PRO A 87 -15.66 3.81 -9.08
CA PRO A 87 -14.62 3.46 -8.11
C PRO A 87 -14.97 2.21 -7.31
N LEU A 88 -13.94 1.50 -6.87
CA LEU A 88 -14.10 0.32 -6.02
C LEU A 88 -13.03 0.41 -4.96
N LEU A 89 -13.28 -0.24 -3.82
CA LEU A 89 -12.30 -0.24 -2.76
C LEU A 89 -11.98 -1.67 -2.34
N ALA A 90 -10.67 -2.02 -2.26
CA ALA A 90 -10.20 -3.35 -1.83
C ALA A 90 -9.72 -3.23 -0.42
N VAL A 91 -10.14 -4.15 0.46
CA VAL A 91 -9.74 -4.10 1.87
C VAL A 91 -9.31 -5.51 2.27
N ALA A 92 -8.44 -5.63 3.26
CA ALA A 92 -8.01 -6.96 3.74
C ALA A 92 -7.32 -6.77 5.05
N GLY A 93 -7.19 -7.87 5.79
CA GLY A 93 -6.50 -7.83 7.07
C GLY A 93 -6.20 -9.17 7.68
N SER A 94 -6.33 -9.28 9.03
CA SER A 94 -5.94 -10.46 9.79
C SER A 94 -6.61 -11.78 9.33
N ARG A 95 -7.84 -11.72 8.80
CA ARG A 95 -8.55 -12.92 8.35
C ARG A 95 -8.04 -13.50 7.03
N GLY A 96 -7.22 -12.75 6.30
CA GLY A 96 -6.69 -13.18 5.00
C GLY A 96 -7.73 -13.24 3.90
N ILE A 97 -8.72 -12.34 3.95
CA ILE A 97 -9.77 -12.28 2.93
C ILE A 97 -9.74 -10.92 2.27
N ILE A 98 -9.59 -10.90 0.96
CA ILE A 98 -9.64 -9.65 0.20
C ILE A 98 -11.13 -9.41 -0.05
N ARG A 99 -11.60 -8.19 0.24
CA ARG A 99 -12.97 -7.79 -0.05
C ARG A 99 -12.96 -6.61 -1.00
N ILE A 100 -13.68 -6.75 -2.12
CA ILE A 100 -13.88 -5.69 -3.11
C ILE A 100 -15.23 -5.10 -2.79
N ILE A 101 -15.23 -3.86 -2.36
CA ILE A 101 -16.41 -3.15 -1.93
C ILE A 101 -16.78 -2.06 -2.92
N ASN A 102 -18.09 -1.93 -3.21
CA ASN A 102 -18.66 -0.84 -3.98
C ASN A 102 -18.79 0.33 -2.94
N PRO A 103 -18.04 1.45 -3.10
CA PRO A 103 -18.08 2.52 -2.08
C PRO A 103 -19.40 3.29 -1.94
N ILE A 104 -20.26 3.26 -2.97
CA ILE A 104 -21.55 3.95 -2.95
C ILE A 104 -22.53 3.25 -1.99
N THR A 105 -22.54 1.91 -2.00
CA THR A 105 -23.45 1.09 -1.20
C THR A 105 -22.80 0.38 -0.01
N MET A 106 -21.47 0.26 0.00
CA MET A 106 -20.64 -0.51 0.94
C MET A 106 -20.93 -2.02 0.82
N GLN A 107 -21.41 -2.44 -0.35
CA GLN A 107 -21.65 -3.84 -0.63
C GLN A 107 -20.33 -4.51 -0.99
N CYS A 108 -20.05 -5.65 -0.38
CA CYS A 108 -18.90 -6.45 -0.75
C CYS A 108 -19.35 -7.23 -1.99
N ILE A 109 -18.85 -6.83 -3.15
CA ILE A 109 -19.24 -7.43 -4.43
C ILE A 109 -18.39 -8.62 -4.81
N LYS A 110 -17.13 -8.70 -4.29
CA LYS A 110 -16.22 -9.81 -4.58
C LYS A 110 -15.35 -10.06 -3.35
N HIS A 111 -15.00 -11.32 -3.10
CA HIS A 111 -14.01 -11.66 -2.06
C HIS A 111 -13.06 -12.75 -2.57
N TYR A 112 -11.79 -12.71 -2.12
CA TYR A 112 -10.76 -13.70 -2.51
C TYR A 112 -10.09 -14.25 -1.29
N VAL A 113 -9.81 -15.52 -1.32
CA VAL A 113 -9.07 -16.18 -0.26
C VAL A 113 -7.93 -16.90 -0.95
N GLY A 114 -6.71 -16.65 -0.47
CA GLY A 114 -5.51 -17.33 -0.92
C GLY A 114 -5.44 -18.58 -0.07
N HIS A 115 -4.62 -18.56 0.98
CA HIS A 115 -4.56 -19.65 1.95
C HIS A 115 -5.24 -19.22 3.27
N GLY A 116 -5.68 -17.96 3.34
CA GLY A 116 -6.42 -17.40 4.47
C GLY A 116 -5.59 -16.89 5.62
N ASN A 117 -4.35 -16.44 5.32
CA ASN A 117 -3.42 -15.92 6.33
C ASN A 117 -3.41 -14.43 6.19
N ALA A 118 -3.21 -13.68 7.31
CA ALA A 118 -3.30 -12.24 7.32
C ALA A 118 -2.63 -11.59 6.11
N ILE A 119 -3.31 -10.60 5.53
CA ILE A 119 -2.84 -9.77 4.41
C ILE A 119 -2.41 -8.44 4.99
N ASN A 120 -1.14 -8.09 4.77
CA ASN A 120 -0.56 -6.87 5.33
C ASN A 120 -0.65 -5.67 4.42
N GLU A 121 -0.71 -5.88 3.12
CA GLU A 121 -0.84 -4.75 2.19
C GLU A 121 -1.45 -5.18 0.89
N LEU A 122 -2.18 -4.25 0.26
CA LEU A 122 -2.82 -4.39 -1.05
C LEU A 122 -2.30 -3.24 -1.93
N LYS A 123 -2.04 -3.53 -3.22
CA LYS A 123 -1.63 -2.48 -4.16
C LYS A 123 -2.19 -2.82 -5.50
N PHE A 124 -2.76 -1.84 -6.17
CA PHE A 124 -3.23 -2.01 -7.54
C PHE A 124 -2.15 -1.62 -8.52
N HIS A 125 -2.09 -2.35 -9.62
CA HIS A 125 -1.18 -2.11 -10.72
C HIS A 125 -1.43 -0.70 -11.26
N PRO A 126 -0.35 0.07 -11.52
CA PRO A 126 -0.52 1.47 -11.96
C PRO A 126 -1.10 1.70 -13.35
N ARG A 127 -1.11 0.65 -14.19
CA ARG A 127 -1.61 0.74 -15.56
CA ARG A 127 -1.62 0.76 -15.56
C ARG A 127 -2.84 -0.15 -15.79
N ASP A 128 -3.02 -1.17 -14.94
CA ASP A 128 -4.13 -2.13 -15.03
C ASP A 128 -4.97 -2.14 -13.73
N PRO A 129 -6.18 -1.51 -13.74
CA PRO A 129 -7.00 -1.45 -12.50
C PRO A 129 -7.52 -2.80 -12.00
N ASN A 130 -7.41 -3.86 -12.81
CA ASN A 130 -7.85 -5.21 -12.42
C ASN A 130 -6.77 -6.02 -11.70
N LEU A 131 -5.50 -5.58 -11.75
CA LEU A 131 -4.40 -6.35 -11.16
C LEU A 131 -4.10 -5.93 -9.76
N LEU A 132 -4.49 -6.77 -8.83
CA LEU A 132 -4.36 -6.49 -7.42
C LEU A 132 -3.27 -7.32 -6.78
N LEU A 133 -2.33 -6.67 -6.12
CA LEU A 133 -1.26 -7.39 -5.43
C LEU A 133 -1.55 -7.43 -3.92
N SER A 134 -1.39 -8.58 -3.32
CA SER A 134 -1.54 -8.75 -1.89
C SER A 134 -0.26 -9.35 -1.29
N VAL A 135 0.09 -8.93 -0.07
CA VAL A 135 1.28 -9.47 0.62
C VAL A 135 0.83 -10.05 1.95
N SER A 136 1.34 -11.21 2.30
CA SER A 136 0.79 -11.92 3.43
C SER A 136 1.78 -12.34 4.49
N LYS A 137 1.20 -12.62 5.67
CA LYS A 137 1.82 -13.17 6.85
C LYS A 137 2.41 -14.55 6.49
N ASP A 138 1.86 -15.23 5.44
CA ASP A 138 2.34 -16.55 5.03
C ASP A 138 3.62 -16.51 4.17
N HIS A 139 4.30 -15.34 4.08
CA HIS A 139 5.60 -15.14 3.42
C HIS A 139 5.48 -15.04 1.89
N ALA A 140 4.26 -15.05 1.32
CA ALA A 140 4.08 -14.93 -0.13
C ALA A 140 3.36 -13.67 -0.53
N LEU A 141 3.53 -13.31 -1.81
CA LEU A 141 2.80 -12.26 -2.47
C LEU A 141 1.89 -13.00 -3.44
N ARG A 142 0.70 -12.45 -3.69
N ARG A 142 0.74 -12.40 -3.72
CA ARG A 142 -0.26 -13.01 -4.62
CA ARG A 142 -0.24 -12.94 -4.65
C ARG A 142 -0.81 -11.91 -5.53
C ARG A 142 -0.71 -11.84 -5.56
N LEU A 143 -0.84 -12.16 -6.84
CA LEU A 143 -1.31 -11.24 -7.87
C LEU A 143 -2.64 -11.76 -8.36
N TRP A 144 -3.67 -10.94 -8.25
CA TRP A 144 -5.05 -11.26 -8.63
C TRP A 144 -5.55 -10.45 -9.80
N ASN A 145 -6.42 -11.08 -10.61
CA ASN A 145 -7.09 -10.38 -11.69
C ASN A 145 -8.54 -10.31 -11.22
N ILE A 146 -8.96 -9.14 -10.71
CA ILE A 146 -10.29 -8.97 -10.14
C ILE A 146 -11.42 -8.87 -11.20
N GLN A 147 -11.07 -8.79 -12.49
CA GLN A 147 -12.10 -8.82 -13.52
C GLN A 147 -12.56 -10.28 -13.74
N THR A 148 -11.61 -11.24 -13.71
CA THR A 148 -11.92 -12.67 -13.94
C THR A 148 -11.86 -13.52 -12.67
N ASP A 149 -11.55 -12.90 -11.50
CA ASP A 149 -11.50 -13.57 -10.19
C ASP A 149 -10.46 -14.69 -10.18
N THR A 150 -9.31 -14.44 -10.80
CA THR A 150 -8.24 -15.44 -10.93
C THR A 150 -7.00 -15.04 -10.16
N LEU A 151 -6.31 -16.04 -9.62
CA LEU A 151 -5.05 -15.85 -8.96
C LEU A 151 -4.01 -16.05 -10.08
N VAL A 152 -3.39 -14.95 -10.51
CA VAL A 152 -2.46 -14.98 -11.63
C VAL A 152 -1.14 -15.65 -11.22
N ALA A 153 -0.63 -15.27 -10.03
CA ALA A 153 0.69 -15.74 -9.57
C ALA A 153 0.80 -15.65 -8.08
N ILE A 154 1.69 -16.52 -7.54
CA ILE A 154 2.07 -16.60 -6.13
C ILE A 154 3.60 -16.46 -6.19
N PHE A 155 4.11 -15.47 -5.46
CA PHE A 155 5.53 -15.17 -5.39
C PHE A 155 6.01 -15.63 -4.05
N GLY A 156 6.87 -16.64 -4.05
CA GLY A 156 7.38 -17.19 -2.80
C GLY A 156 7.93 -18.59 -2.90
N GLY A 157 8.48 -19.06 -1.80
CA GLY A 157 9.11 -20.37 -1.65
C GLY A 157 10.36 -20.18 -0.81
N VAL A 158 11.25 -21.20 -0.78
CA VAL A 158 12.48 -21.15 0.01
C VAL A 158 13.40 -20.00 -0.41
N GLU A 159 13.36 -19.58 -1.69
CA GLU A 159 14.15 -18.43 -2.16
C GLU A 159 13.37 -17.14 -2.11
N GLY A 160 12.07 -17.22 -1.76
CA GLY A 160 11.25 -16.03 -1.55
C GLY A 160 11.39 -15.55 -0.11
N HIS A 161 10.41 -14.75 0.39
CA HIS A 161 10.45 -14.26 1.76
C HIS A 161 10.40 -15.40 2.76
N ARG A 162 11.20 -15.29 3.82
CA ARG A 162 11.29 -16.34 4.84
C ARG A 162 10.51 -16.00 6.11
N ASP A 163 9.76 -14.88 6.07
CA ASP A 163 8.88 -14.45 7.14
C ASP A 163 7.78 -13.57 6.52
N GLU A 164 6.88 -12.99 7.34
CA GLU A 164 5.79 -12.14 6.86
C GLU A 164 6.23 -11.10 5.83
N VAL A 165 5.45 -10.94 4.73
CA VAL A 165 5.72 -9.88 3.77
C VAL A 165 4.88 -8.70 4.29
N LEU A 166 5.51 -7.58 4.52
CA LEU A 166 4.79 -6.43 5.16
C LEU A 166 4.36 -5.35 4.21
N SER A 167 5.05 -5.20 3.08
CA SER A 167 4.75 -4.16 2.09
C SER A 167 5.28 -4.57 0.74
N ALA A 168 4.74 -3.94 -0.28
CA ALA A 168 5.19 -4.10 -1.65
C ALA A 168 4.76 -2.90 -2.48
N ASP A 169 5.45 -2.70 -3.61
CA ASP A 169 5.14 -1.58 -4.51
C ASP A 169 5.49 -1.94 -5.96
N TYR A 170 4.63 -1.55 -6.87
CA TYR A 170 4.87 -1.71 -8.29
C TYR A 170 5.70 -0.50 -8.71
N ASP A 171 6.52 -0.63 -9.74
CA ASP A 171 7.21 0.55 -10.27
C ASP A 171 6.19 1.35 -11.13
N LEU A 172 6.61 2.49 -11.68
CA LEU A 172 5.77 3.39 -12.45
C LEU A 172 4.94 2.70 -13.52
N LEU A 173 5.58 1.83 -14.31
CA LEU A 173 4.93 1.15 -15.43
C LEU A 173 4.33 -0.19 -15.06
N GLY A 174 4.51 -0.63 -13.81
CA GLY A 174 4.00 -1.93 -13.40
C GLY A 174 4.73 -3.06 -14.10
N GLU A 175 6.05 -2.88 -14.31
CA GLU A 175 6.88 -3.95 -14.91
C GLU A 175 7.52 -4.82 -13.82
N LYS A 176 7.63 -4.30 -12.62
CA LYS A 176 8.28 -5.04 -11.54
C LYS A 176 7.74 -4.64 -10.20
N ILE A 177 7.91 -5.54 -9.21
CA ILE A 177 7.48 -5.33 -7.84
C ILE A 177 8.69 -5.42 -6.92
N MET A 178 8.74 -4.54 -5.92
CA MET A 178 9.71 -4.66 -4.86
C MET A 178 8.88 -4.93 -3.62
N SER A 179 9.21 -5.99 -2.91
CA SER A 179 8.53 -6.40 -1.69
C SER A 179 9.47 -6.37 -0.49
N CYS A 180 8.91 -6.36 0.74
CA CYS A 180 9.75 -6.40 1.94
C CYS A 180 9.02 -6.98 3.11
N GLY A 181 9.77 -7.45 4.09
CA GLY A 181 9.12 -7.95 5.30
C GLY A 181 9.93 -8.08 6.55
N MET A 182 9.42 -8.94 7.44
CA MET A 182 9.97 -9.27 8.75
C MET A 182 11.34 -9.91 8.64
N ASP A 183 11.65 -10.55 7.48
CA ASP A 183 12.95 -11.21 7.29
C ASP A 183 14.10 -10.23 7.02
N HIS A 184 13.83 -8.87 7.06
CA HIS A 184 14.79 -7.77 6.86
C HIS A 184 15.07 -7.55 5.36
N SER A 185 14.50 -8.40 4.50
CA SER A 185 14.87 -8.36 3.12
C SER A 185 13.94 -7.60 2.22
N LEU A 186 14.49 -7.12 1.11
CA LEU A 186 13.79 -6.44 0.02
C LEU A 186 14.07 -7.26 -1.20
N LYS A 187 12.98 -7.70 -1.89
CA LYS A 187 13.07 -8.59 -3.04
C LYS A 187 12.38 -8.02 -4.26
N LEU A 188 13.03 -8.18 -5.44
CA LEU A 188 12.52 -7.74 -6.71
C LEU A 188 11.84 -8.91 -7.46
N TRP A 189 10.68 -8.64 -8.05
CA TRP A 189 9.95 -9.63 -8.83
C TRP A 189 9.50 -8.94 -10.11
N ARG A 190 10.13 -9.29 -11.25
CA ARG A 190 9.80 -8.74 -12.57
C ARG A 190 8.52 -9.40 -13.08
N ILE A 191 7.55 -8.60 -13.48
CA ILE A 191 6.28 -9.14 -13.99
C ILE A 191 6.13 -8.84 -15.49
N ASN A 192 7.23 -8.37 -16.14
CA ASN A 192 7.23 -8.08 -17.58
C ASN A 192 8.00 -9.22 -18.32
N SER A 193 8.19 -10.36 -17.62
CA SER A 193 8.81 -11.57 -18.21
C SER A 193 7.79 -12.19 -19.15
N LYS A 194 8.27 -13.00 -20.13
CA LYS A 194 7.39 -13.68 -21.07
C LYS A 194 6.37 -14.51 -20.27
N ARG A 195 6.81 -15.23 -19.23
CA ARG A 195 5.95 -16.06 -18.39
C ARG A 195 4.81 -15.24 -17.74
N MET A 196 5.15 -14.08 -17.13
CA MET A 196 4.15 -13.27 -16.47
C MET A 196 3.21 -12.55 -17.40
N MET A 197 3.73 -12.01 -18.53
CA MET A 197 2.85 -11.30 -19.48
C MET A 197 1.84 -12.29 -20.08
N ASN A 198 2.31 -13.51 -20.38
CA ASN A 198 1.46 -14.60 -20.85
C ASN A 198 0.41 -14.96 -19.79
N ALA A 199 0.80 -15.10 -18.53
CA ALA A 199 -0.11 -15.42 -17.44
C ALA A 199 -1.20 -14.34 -17.29
N ILE A 200 -0.82 -13.05 -17.32
CA ILE A 200 -1.79 -11.96 -17.24
C ILE A 200 -2.79 -12.04 -18.41
N LYS A 201 -2.29 -12.23 -19.63
CA LYS A 201 -3.14 -12.40 -20.83
C LYS A 201 -4.11 -13.57 -20.64
N GLU A 202 -3.62 -14.76 -20.22
CA GLU A 202 -4.48 -15.91 -19.98
C GLU A 202 -5.51 -15.66 -18.88
N SER A 203 -5.14 -14.90 -17.82
CA SER A 203 -6.10 -14.54 -16.77
C SER A 203 -7.31 -13.80 -17.34
N TYR A 204 -7.11 -12.94 -18.38
CA TYR A 204 -8.21 -12.23 -19.03
C TYR A 204 -9.07 -13.15 -19.88
N ASP A 205 -8.47 -14.23 -20.41
CA ASP A 205 -9.18 -15.19 -21.25
C ASP A 205 -9.95 -16.25 -20.45
N TYR A 206 -9.78 -16.25 -19.13
CA TYR A 206 -10.48 -17.22 -18.30
C TYR A 206 -11.93 -16.86 -17.96
N ASN A 207 -12.84 -17.82 -18.20
CA ASN A 207 -14.25 -17.74 -17.85
C ASN A 207 -14.64 -19.13 -17.31
N PRO A 208 -14.78 -19.30 -15.97
CA PRO A 208 -15.07 -20.64 -15.42
C PRO A 208 -16.42 -21.28 -15.82
N ASN A 209 -17.37 -20.45 -16.31
CA ASN A 209 -18.69 -20.91 -16.75
C ASN A 209 -18.65 -21.49 -18.18
N LYS A 210 -17.54 -21.26 -18.91
CA LYS A 210 -17.42 -21.77 -20.27
C LYS A 210 -16.36 -22.90 -20.42
N THR A 211 -15.78 -23.36 -19.28
CA THR A 211 -14.74 -24.40 -19.28
C THR A 211 -14.71 -25.27 -18.01
N ASN A 212 -14.07 -26.45 -18.12
CA ASN A 212 -13.87 -27.37 -17.00
C ASN A 212 -12.45 -27.26 -16.47
N ARG A 213 -11.54 -26.59 -17.20
CA ARG A 213 -10.16 -26.43 -16.75
C ARG A 213 -10.07 -25.46 -15.57
N PRO A 214 -9.18 -25.75 -14.59
CA PRO A 214 -8.93 -24.74 -13.55
C PRO A 214 -8.00 -23.67 -14.17
N PHE A 215 -7.96 -22.47 -13.57
CA PHE A 215 -7.03 -21.45 -14.01
C PHE A 215 -5.71 -21.79 -13.31
N ILE A 216 -4.65 -21.96 -14.08
CA ILE A 216 -3.35 -22.31 -13.54
C ILE A 216 -2.65 -21.05 -13.09
N SER A 217 -2.24 -20.99 -11.82
N SER A 217 -2.23 -21.01 -11.82
CA SER A 217 -1.50 -19.84 -11.27
CA SER A 217 -1.48 -19.87 -11.26
C SER A 217 -0.01 -20.09 -11.42
C SER A 217 0.01 -20.10 -11.45
N GLN A 218 0.77 -19.04 -11.74
CA GLN A 218 2.23 -19.14 -11.87
C GLN A 218 2.77 -19.28 -10.45
N LYS A 219 3.74 -20.17 -10.26
CA LYS A 219 4.40 -20.29 -8.98
C LYS A 219 5.78 -19.71 -9.21
N ILE A 220 5.95 -18.45 -8.81
CA ILE A 220 7.20 -17.71 -8.96
C ILE A 220 8.03 -17.90 -7.68
N HIS A 221 9.02 -18.74 -7.79
CA HIS A 221 9.89 -19.13 -6.66
C HIS A 221 11.19 -18.34 -6.53
N PHE A 222 11.62 -17.66 -7.60
CA PHE A 222 12.91 -17.00 -7.54
C PHE A 222 12.81 -15.50 -7.83
N PRO A 223 13.20 -14.66 -6.86
CA PRO A 223 13.19 -13.21 -7.09
C PRO A 223 14.33 -12.81 -8.02
N ASP A 224 14.13 -11.69 -8.69
CA ASP A 224 15.05 -11.13 -9.65
C ASP A 224 16.17 -10.35 -8.99
N PHE A 225 16.06 -10.13 -7.67
CA PHE A 225 17.06 -9.48 -6.85
C PHE A 225 16.64 -9.68 -5.41
N SER A 226 17.62 -9.74 -4.52
CA SER A 226 17.40 -9.77 -3.07
C SER A 226 18.49 -9.04 -2.28
N THR A 227 18.09 -8.33 -1.23
CA THR A 227 19.00 -7.69 -0.28
C THR A 227 18.48 -7.75 1.14
N ARG A 228 19.43 -7.91 2.06
CA ARG A 228 19.17 -7.90 3.50
CA ARG A 228 19.14 -7.87 3.48
C ARG A 228 20.10 -6.85 4.09
N ASP A 229 20.73 -6.04 3.23
CA ASP A 229 21.74 -5.08 3.65
C ASP A 229 21.33 -3.60 3.73
N ILE A 230 20.02 -3.32 3.73
CA ILE A 230 19.57 -1.95 3.86
C ILE A 230 19.21 -1.67 5.30
N HIS A 231 18.38 -2.52 5.87
CA HIS A 231 17.86 -2.37 7.24
C HIS A 231 18.32 -3.51 8.13
N ARG A 232 18.28 -3.30 9.44
CA ARG A 232 18.64 -4.36 10.39
C ARG A 232 17.43 -4.78 11.25
N ASN A 233 16.19 -4.61 10.72
CA ASN A 233 14.96 -4.97 11.43
C ASN A 233 13.80 -5.14 10.43
N TYR A 234 12.55 -5.36 10.91
CA TYR A 234 11.38 -5.55 10.04
C TYR A 234 11.29 -4.36 9.08
N VAL A 235 11.17 -4.66 7.79
CA VAL A 235 11.05 -3.64 6.73
C VAL A 235 9.55 -3.59 6.46
N ASP A 236 8.92 -2.50 6.89
CA ASP A 236 7.47 -2.36 6.94
C ASP A 236 6.87 -1.42 5.89
N CYS A 237 7.69 -0.82 5.02
CA CYS A 237 7.16 0.06 3.98
C CYS A 237 8.19 0.19 2.88
N VAL A 238 7.78 0.03 1.63
CA VAL A 238 8.66 0.14 0.45
C VAL A 238 7.92 0.85 -0.65
N ARG A 239 8.61 1.73 -1.38
CA ARG A 239 7.99 2.40 -2.52
C ARG A 239 9.08 2.73 -3.53
N TRP A 240 8.73 2.64 -4.80
CA TRP A 240 9.61 3.03 -5.88
C TRP A 240 9.59 4.54 -6.01
N LEU A 241 10.77 5.12 -6.32
CA LEU A 241 10.94 6.52 -6.67
C LEU A 241 11.72 6.43 -7.97
N GLY A 242 11.00 6.25 -9.07
CA GLY A 242 11.60 5.99 -10.38
C GLY A 242 12.23 4.60 -10.37
N ASP A 243 13.54 4.53 -10.64
CA ASP A 243 14.36 3.32 -10.63
C ASP A 243 14.97 3.11 -9.24
N LEU A 244 14.75 4.06 -8.32
CA LEU A 244 15.26 3.97 -6.95
C LEU A 244 14.20 3.44 -6.01
N ILE A 245 14.65 3.02 -4.83
CA ILE A 245 13.78 2.52 -3.81
C ILE A 245 13.85 3.40 -2.57
N LEU A 246 12.69 3.60 -1.95
CA LEU A 246 12.56 4.20 -0.64
C LEU A 246 12.03 3.10 0.25
N SER A 247 12.71 2.82 1.35
CA SER A 247 12.21 1.82 2.27
C SER A 247 12.58 2.18 3.70
N LYS A 248 11.80 1.69 4.65
CA LYS A 248 12.09 1.95 6.04
C LYS A 248 11.89 0.71 6.86
N SER A 249 12.51 0.71 8.03
CA SER A 249 12.37 -0.28 9.06
C SER A 249 11.98 0.58 10.29
N CYS A 250 12.28 0.13 11.51
CA CYS A 250 11.90 0.88 12.70
C CYS A 250 13.18 1.54 13.26
N GLU A 251 14.12 1.92 12.39
CA GLU A 251 15.45 2.43 12.78
C GLU A 251 15.59 3.92 12.60
N ASN A 252 14.45 4.61 12.55
CA ASN A 252 14.35 6.07 12.48
C ASN A 252 14.94 6.68 11.21
N ALA A 253 14.90 5.92 10.08
CA ALA A 253 15.30 6.43 8.78
C ALA A 253 14.52 5.80 7.64
N ILE A 254 14.25 6.61 6.64
CA ILE A 254 13.76 6.11 5.35
C ILE A 254 15.02 6.13 4.49
N VAL A 255 15.39 4.97 3.96
CA VAL A 255 16.61 4.82 3.16
C VAL A 255 16.30 4.86 1.67
N CYS A 256 17.01 5.71 0.94
CA CYS A 256 16.88 5.77 -0.53
C CYS A 256 18.06 4.97 -1.05
N TRP A 257 17.76 3.96 -1.84
CA TRP A 257 18.78 3.04 -2.32
C TRP A 257 18.45 2.44 -3.66
N LYS A 258 19.42 1.75 -4.24
CA LYS A 258 19.21 1.03 -5.49
C LYS A 258 19.96 -0.33 -5.53
N PRO A 259 19.39 -1.34 -6.20
CA PRO A 259 20.14 -2.59 -6.38
C PRO A 259 21.39 -2.32 -7.24
N GLY A 260 22.45 -3.06 -6.96
CA GLY A 260 23.69 -2.97 -7.70
C GLY A 260 24.60 -1.84 -7.28
N LYS A 261 25.65 -1.61 -8.09
CA LYS A 261 26.63 -0.53 -7.89
C LYS A 261 26.00 0.78 -8.36
N MET A 262 26.66 1.94 -8.05
CA MET A 262 26.14 3.28 -8.34
C MET A 262 25.56 3.46 -9.76
N GLU A 263 26.28 3.01 -10.78
CA GLU A 263 25.85 3.20 -12.17
C GLU A 263 25.16 1.99 -12.80
N ASP A 264 24.79 0.98 -12.00
CA ASP A 264 24.10 -0.18 -12.55
C ASP A 264 22.64 0.13 -12.90
N ASP A 265 22.23 -0.23 -14.12
CA ASP A 265 20.85 -0.02 -14.56
C ASP A 265 19.98 -1.08 -13.93
N ILE A 266 18.82 -0.65 -13.39
CA ILE A 266 17.83 -1.53 -12.75
C ILE A 266 17.44 -2.74 -13.66
N ASP A 267 17.39 -2.52 -14.97
CA ASP A 267 17.00 -3.58 -15.90
C ASP A 267 18.15 -4.49 -16.35
N LYS A 268 19.41 -4.19 -15.94
CA LYS A 268 20.60 -5.01 -16.21
C LYS A 268 20.95 -5.86 -14.98
N ILE A 269 20.40 -5.52 -13.81
CA ILE A 269 20.61 -6.20 -12.51
C ILE A 269 20.24 -7.68 -12.72
N LYS A 270 21.15 -8.59 -12.37
CA LYS A 270 20.92 -10.05 -12.46
C LYS A 270 20.43 -10.60 -11.09
N PRO A 271 19.75 -11.77 -11.02
CA PRO A 271 19.30 -12.29 -9.71
C PRO A 271 20.40 -12.47 -8.66
N SER A 272 21.63 -12.75 -9.11
CA SER A 272 22.77 -12.96 -8.21
C SER A 272 23.42 -11.65 -7.70
N GLU A 273 22.97 -10.48 -8.20
CA GLU A 273 23.54 -9.18 -7.78
C GLU A 273 23.75 -9.11 -6.27
N SER A 274 25.03 -8.95 -5.86
CA SER A 274 25.39 -8.96 -4.45
C SER A 274 25.50 -7.57 -3.85
N ASN A 275 25.48 -6.51 -4.68
CA ASN A 275 25.66 -5.15 -4.17
C ASN A 275 24.40 -4.34 -4.11
N VAL A 276 24.41 -3.30 -3.26
CA VAL A 276 23.36 -2.28 -3.12
C VAL A 276 24.05 -0.96 -2.99
N THR A 277 23.41 0.11 -3.43
CA THR A 277 23.98 1.44 -3.27
C THR A 277 22.94 2.30 -2.58
N ILE A 278 23.31 2.82 -1.43
CA ILE A 278 22.51 3.75 -0.65
C ILE A 278 22.80 5.15 -1.22
N LEU A 279 21.74 5.87 -1.55
CA LEU A 279 21.86 7.20 -2.13
C LEU A 279 21.68 8.29 -1.08
N GLY A 280 20.94 7.98 -0.02
CA GLY A 280 20.68 8.92 1.05
C GLY A 280 19.70 8.38 2.07
N ARG A 281 19.48 9.14 3.12
CA ARG A 281 18.61 8.75 4.21
C ARG A 281 17.81 9.95 4.65
N PHE A 282 16.52 9.73 4.96
CA PHE A 282 15.62 10.72 5.55
C PHE A 282 15.59 10.33 7.00
N ASP A 283 16.26 11.13 7.84
CA ASP A 283 16.38 10.86 9.27
C ASP A 283 15.27 11.57 10.02
N TYR A 284 14.82 10.95 11.13
CA TYR A 284 13.74 11.46 11.98
C TYR A 284 13.81 10.79 13.35
N SER A 285 12.90 11.13 14.26
CA SER A 285 12.95 10.53 15.58
C SER A 285 11.62 9.97 16.01
N GLN A 286 11.65 9.12 17.04
CA GLN A 286 10.48 8.54 17.67
C GLN A 286 9.55 7.89 16.68
N CYS A 287 10.12 7.08 15.82
CA CYS A 287 9.38 6.25 14.88
C CYS A 287 10.11 4.92 14.81
N ASP A 288 10.37 4.34 15.99
CA ASP A 288 11.07 3.08 16.14
C ASP A 288 10.16 1.91 16.54
N ILE A 289 8.84 2.11 16.49
CA ILE A 289 7.90 1.01 16.71
C ILE A 289 7.65 0.35 15.34
N TRP A 290 7.26 -0.94 15.34
CA TRP A 290 6.98 -1.61 14.06
C TRP A 290 5.63 -1.15 13.51
N TYR A 291 5.48 -1.22 12.17
CA TYR A 291 4.24 -1.02 11.39
C TYR A 291 3.82 0.45 11.32
N MET A 292 4.67 1.25 10.68
CA MET A 292 4.48 2.68 10.44
C MET A 292 4.78 2.88 8.95
N ARG A 293 3.81 3.38 8.22
CA ARG A 293 3.92 3.60 6.79
C ARG A 293 4.31 5.03 6.46
N PHE A 294 5.08 5.20 5.39
CA PHE A 294 5.29 6.54 4.83
C PHE A 294 4.46 6.59 3.54
N SER A 295 4.14 7.80 3.10
CA SER A 295 3.40 7.95 1.84
C SER A 295 3.99 9.05 1.00
N MET A 296 3.70 9.00 -0.29
CA MET A 296 4.06 10.08 -1.20
C MET A 296 2.81 10.58 -1.84
N ASP A 297 2.85 11.80 -2.31
CA ASP A 297 1.75 12.37 -3.05
C ASP A 297 1.79 11.79 -4.46
N PHE A 298 0.74 12.08 -5.22
CA PHE A 298 0.60 11.58 -6.58
C PHE A 298 1.84 11.92 -7.41
N TRP A 299 2.34 13.15 -7.34
CA TRP A 299 3.48 13.58 -8.16
C TRP A 299 4.83 13.09 -7.67
N GLN A 300 4.90 12.51 -6.47
CA GLN A 300 6.14 12.05 -5.83
C GLN A 300 7.10 13.23 -5.63
N LYS A 301 6.51 14.39 -5.28
CA LYS A 301 7.23 15.61 -4.94
C LYS A 301 7.33 15.75 -3.42
N MET A 302 6.46 15.05 -2.67
CA MET A 302 6.42 15.10 -1.20
C MET A 302 6.43 13.71 -0.61
N LEU A 303 7.06 13.56 0.54
CA LEU A 303 7.12 12.30 1.25
C LEU A 303 6.64 12.62 2.69
N ALA A 304 5.71 11.83 3.24
CA ALA A 304 5.17 12.06 4.58
C ALA A 304 5.24 10.82 5.43
N LEU A 305 5.56 11.00 6.69
CA LEU A 305 5.64 9.90 7.65
C LEU A 305 5.29 10.42 9.01
N GLY A 306 4.34 9.76 9.66
CA GLY A 306 3.97 10.10 11.02
C GLY A 306 4.82 9.32 12.00
N ASN A 307 5.07 9.89 13.19
CA ASN A 307 5.84 9.16 14.17
C ASN A 307 4.95 8.60 15.29
N GLN A 308 5.54 7.92 16.25
CA GLN A 308 4.77 7.25 17.28
C GLN A 308 4.22 8.20 18.39
N VAL A 309 4.54 9.51 18.33
CA VAL A 309 4.06 10.49 19.33
C VAL A 309 3.17 11.58 18.65
N GLY A 310 2.66 11.30 17.44
CA GLY A 310 1.73 12.17 16.73
C GLY A 310 2.32 13.32 15.97
N LYS A 311 3.62 13.28 15.68
CA LYS A 311 4.24 14.30 14.82
C LYS A 311 4.21 13.75 13.41
N LEU A 312 4.07 14.66 12.45
CA LEU A 312 3.95 14.29 11.07
C LEU A 312 5.05 15.00 10.30
N TYR A 313 5.98 14.23 9.74
CA TYR A 313 7.11 14.77 8.99
C TYR A 313 6.80 14.78 7.52
N VAL A 314 7.09 15.91 6.87
CA VAL A 314 6.89 16.04 5.44
C VAL A 314 8.21 16.52 4.83
N TRP A 315 8.73 15.78 3.81
CA TRP A 315 9.93 16.21 3.11
C TRP A 315 9.60 16.64 1.69
N ASP A 316 10.35 17.63 1.20
CA ASP A 316 10.28 18.08 -0.18
C ASP A 316 11.29 17.19 -0.94
N LEU A 317 10.79 16.36 -1.85
CA LEU A 317 11.65 15.44 -2.61
C LEU A 317 12.34 16.11 -3.81
N GLU A 318 12.09 17.41 -4.06
CA GLU A 318 12.64 18.16 -5.20
C GLU A 318 13.96 18.91 -4.89
N VAL A 319 14.23 19.22 -3.61
CA VAL A 319 15.41 19.97 -3.17
C VAL A 319 16.73 19.21 -3.43
N CYS A 327 12.62 19.78 5.71
CA CYS A 327 11.64 18.94 6.40
C CYS A 327 10.69 19.75 7.28
N THR A 328 9.39 19.69 6.96
CA THR A 328 8.36 20.35 7.75
C THR A 328 7.84 19.37 8.82
N THR A 329 7.66 19.85 10.05
CA THR A 329 7.07 19.04 11.10
C THR A 329 5.69 19.58 11.43
N LEU A 330 4.69 18.76 11.19
CA LEU A 330 3.30 19.08 11.47
C LEU A 330 2.96 18.49 12.82
N THR A 331 2.57 19.37 13.74
CA THR A 331 2.26 18.93 15.08
C THR A 331 1.07 19.71 15.64
N HIS A 332 0.17 19.02 16.35
CA HIS A 332 -0.99 19.61 16.99
C HIS A 332 -0.91 19.22 18.47
N HIS A 333 -1.13 20.17 19.40
CA HIS A 333 -1.00 19.86 20.82
C HIS A 333 -2.00 18.76 21.34
N LYS A 334 -3.04 18.37 20.55
CA LYS A 334 -3.97 17.29 20.96
C LYS A 334 -3.70 15.96 20.19
N CYS A 335 -2.70 15.97 19.29
CA CYS A 335 -2.34 14.81 18.47
C CYS A 335 -1.09 14.15 19.07
N GLY A 336 -1.31 13.19 19.95
CA GLY A 336 -0.26 12.50 20.70
C GLY A 336 -0.11 11.02 20.44
N ALA A 337 -1.05 10.39 19.69
CA ALA A 337 -0.97 8.94 19.37
C ALA A 337 -0.14 8.66 18.10
N ALA A 338 0.30 7.39 17.94
CA ALA A 338 1.08 6.95 16.79
C ALA A 338 0.31 7.13 15.49
N ILE A 339 0.88 7.87 14.52
CA ILE A 339 0.29 8.06 13.19
C ILE A 339 0.75 6.86 12.33
N ARG A 340 -0.15 5.88 12.11
CA ARG A 340 0.14 4.66 11.36
C ARG A 340 0.32 4.87 9.86
N GLN A 341 -0.55 5.68 9.25
CA GLN A 341 -0.50 5.99 7.83
C GLN A 341 -1.09 7.36 7.55
N THR A 342 -0.64 7.94 6.44
CA THR A 342 -1.06 9.24 5.95
C THR A 342 -1.45 9.09 4.51
N SER A 343 -2.23 10.01 4.00
CA SER A 343 -2.59 9.99 2.59
C SER A 343 -2.83 11.42 2.15
N PHE A 344 -2.22 11.80 1.01
CA PHE A 344 -2.42 13.06 0.32
C PHE A 344 -3.56 12.86 -0.65
N SER A 345 -4.36 13.92 -0.84
CA SER A 345 -5.38 13.92 -1.87
C SER A 345 -4.62 13.97 -3.21
N ARG A 346 -5.30 13.64 -4.33
CA ARG A 346 -4.66 13.62 -5.66
C ARG A 346 -4.01 14.92 -6.05
N ASP A 347 -4.63 16.05 -5.72
CA ASP A 347 -4.08 17.39 -6.00
C ASP A 347 -3.10 17.89 -4.90
N SER A 348 -2.78 17.03 -3.90
CA SER A 348 -1.89 17.31 -2.77
C SER A 348 -2.37 18.50 -1.88
N SER A 349 -3.65 18.89 -1.99
CA SER A 349 -4.14 20.02 -1.18
C SER A 349 -4.51 19.59 0.25
N ILE A 350 -4.74 18.29 0.46
CA ILE A 350 -5.10 17.75 1.78
C ILE A 350 -4.20 16.61 2.16
N LEU A 351 -3.84 16.54 3.42
CA LEU A 351 -3.05 15.42 3.92
C LEU A 351 -3.80 14.91 5.15
N ILE A 352 -4.19 13.64 5.11
CA ILE A 352 -4.89 12.97 6.20
C ILE A 352 -3.94 12.06 6.95
N ALA A 353 -3.94 12.14 8.28
CA ALA A 353 -3.15 11.26 9.14
C ALA A 353 -4.13 10.47 10.02
N VAL A 354 -3.92 9.15 10.14
CA VAL A 354 -4.75 8.27 10.97
C VAL A 354 -3.89 7.67 12.09
N CYS A 355 -4.50 7.52 13.27
CA CYS A 355 -3.78 7.16 14.49
C CYS A 355 -4.25 5.89 15.20
N ASP A 356 -3.40 5.46 16.15
CA ASP A 356 -3.56 4.32 17.07
C ASP A 356 -4.75 4.46 17.99
N ASP A 357 -5.17 5.71 18.29
CA ASP A 357 -6.30 6.01 19.17
C ASP A 357 -7.61 6.22 18.36
N ALA A 358 -7.64 5.80 17.08
CA ALA A 358 -8.77 5.92 16.14
C ALA A 358 -9.06 7.38 15.72
N SER A 359 -8.10 8.31 15.95
CA SER A 359 -8.28 9.69 15.54
C SER A 359 -7.81 9.90 14.09
N ILE A 360 -8.38 10.94 13.46
CA ILE A 360 -8.12 11.33 12.08
C ILE A 360 -7.77 12.80 12.10
N TRP A 361 -6.68 13.20 11.41
CA TRP A 361 -6.25 14.60 11.42
C TRP A 361 -6.16 15.13 10.00
N ARG A 362 -6.77 16.30 9.76
CA ARG A 362 -6.78 16.90 8.43
C ARG A 362 -5.84 18.10 8.38
N TRP A 363 -4.85 18.02 7.49
CA TRP A 363 -3.90 19.11 7.27
C TRP A 363 -4.10 19.63 5.86
N ASP A 364 -4.39 20.94 5.70
CA ASP A 364 -4.56 21.54 4.37
C ASP A 364 -3.31 22.30 3.97
N ARG A 365 -2.84 22.09 2.73
CA ARG A 365 -1.63 22.73 2.20
C ARG A 365 -1.90 24.22 1.97
N LEU A 366 -0.94 25.08 2.32
CA LEU A 366 -1.10 26.53 2.15
C LEU A 366 -0.43 27.06 0.88
#